data_1DIY
#
_entry.id   1DIY
#
_cell.length_a   182.10
_cell.length_b   182.10
_cell.length_c   103.64
_cell.angle_alpha   90.00
_cell.angle_beta   90.00
_cell.angle_gamma   120.00
#
_symmetry.space_group_name_H-M   'P 65 2 2'
#
loop_
_entity.id
_entity.type
_entity.pdbx_description
1 polymer 'PROSTAGLANDIN H2 SYNTHASE-1'
2 branched 2-acetamido-2-deoxy-alpha-D-glucopyranose-(1-4)-2-acetamido-2-deoxy-beta-D-glucopyranose
3 branched alpha-D-mannopyranose-(1-3)-beta-D-mannopyranose-(1-6)-beta-D-mannopyranose-(1-4)-2-acetamido-2-deoxy-beta-D-glucopyranose-(1-4)-2-acetamido-2-deoxy-beta-D-glucopyranose
4 branched 2-acetamido-2-deoxy-beta-D-glucopyranose-(1-4)-2-acetamido-2-deoxy-beta-D-glucopyranose
5 non-polymer 'octyl beta-D-glucopyranoside'
6 non-polymer 'PROTOPORPHYRIN IX CONTAINING CO'
7 non-polymer 'ARACHIDONIC ACID'
8 water water
#
_entity_poly.entity_id   1
_entity_poly.type   'polypeptide(L)'
_entity_poly.pdbx_seq_one_letter_code
;PVNPCCYYPCQHQGICVRFGLDRYQCDCTRTGYSGPNCTIPEIWTWLRTTLRPSPSFIHFLLTHGRWLWDFVNATFIRDT
LMRLVLTVRSNLIPSPPTYNIAHDYISWESFSNVSYYTRILPSVPRDCPTPMGTKGKKQLPDAEFLSRRFLLRRKFIPDP
QGTNLMFAFFAQHFTHQFFKTSGKMGPGFTKALGHGVDLGHIYGDNLERQYQLRLFKDGKLKYQMLNGEVYPPSVEEAPV
LMHYPRGIPPQSQMAVGQEVFGLLPGLMLYATIWLREHNRVCDLLKAEHPTWGDEQLFQTARLILIGETIKIVIEEYVQQ
LSGYFLQLKFDPELLFGAQFQYRNRIAMEFNQLYHWHPLMPDSFRVGPQDYSYEQFLFNTSMLVDYGVEALVDAFSRQPA
GRIGGGRNIDHHILHVAVDVIKESRVLRLQPFNEYRKRFGMKPYTSFQELTGEKEMAAELEELYGDIDALEFYPGLLLEK
CHPNSIFGESMIEMGAPFSLKGLLGNPICSPEYWKASTFGGEVGFNLVKTATLKKLVCLNTKTCPYVSFHVPD
;
_entity_poly.pdbx_strand_id   A
#
# COMPACT_ATOMS: atom_id res chain seq x y z
N PRO A 1 -10.02 5.08 -39.12
CA PRO A 1 -10.98 4.24 -38.32
C PRO A 1 -10.62 4.33 -36.82
N VAL A 2 -11.58 4.72 -35.99
CA VAL A 2 -11.32 4.82 -34.55
C VAL A 2 -11.24 3.45 -33.86
N ASN A 3 -10.10 3.19 -33.22
CA ASN A 3 -9.86 1.92 -32.51
C ASN A 3 -11.03 1.59 -31.59
N PRO A 4 -11.92 0.68 -32.02
CA PRO A 4 -13.08 0.33 -31.20
C PRO A 4 -12.80 0.10 -29.72
N CYS A 5 -11.71 -0.57 -29.37
CA CYS A 5 -11.44 -0.79 -27.95
C CYS A 5 -11.32 0.52 -27.21
N CYS A 6 -11.56 1.62 -27.91
CA CYS A 6 -11.50 2.96 -27.33
C CYS A 6 -12.78 3.24 -26.58
N TYR A 7 -13.79 2.41 -26.85
CA TYR A 7 -15.08 2.58 -26.21
C TYR A 7 -15.19 1.66 -25.01
N TYR A 8 -14.27 0.70 -24.93
CA TYR A 8 -14.30 -0.24 -23.82
C TYR A 8 -15.63 -0.99 -23.93
N PRO A 9 -15.88 -1.63 -25.06
CA PRO A 9 -17.11 -2.38 -25.31
C PRO A 9 -17.29 -3.59 -24.40
N CYS A 10 -16.23 -4.37 -24.24
CA CYS A 10 -16.28 -5.56 -23.42
C CYS A 10 -16.53 -5.22 -21.96
N GLN A 11 -17.41 -6.00 -21.33
CA GLN A 11 -17.76 -5.81 -19.92
C GLN A 11 -17.35 -7.02 -19.09
N HIS A 12 -17.24 -6.83 -17.78
CA HIS A 12 -16.89 -7.91 -16.85
C HIS A 12 -15.55 -8.59 -17.02
N GLN A 13 -14.55 -7.83 -17.39
CA GLN A 13 -13.21 -8.36 -17.57
C GLN A 13 -13.03 -9.13 -18.85
N GLY A 14 -13.83 -8.79 -19.85
CA GLY A 14 -13.70 -9.46 -21.13
C GLY A 14 -12.61 -8.78 -21.92
N ILE A 15 -11.66 -9.55 -22.43
CA ILE A 15 -10.57 -8.99 -23.22
C ILE A 15 -10.97 -8.44 -24.60
N CYS A 16 -10.65 -7.18 -24.85
CA CYS A 16 -10.94 -6.52 -26.13
C CYS A 16 -9.83 -6.77 -27.15
N VAL A 17 -10.17 -7.36 -28.28
CA VAL A 17 -9.17 -7.65 -29.30
C VAL A 17 -9.56 -7.18 -30.68
N ARG A 18 -8.62 -6.49 -31.32
CA ARG A 18 -8.83 -5.97 -32.67
C ARG A 18 -8.72 -7.09 -33.69
N PHE A 19 -9.74 -7.22 -34.51
CA PHE A 19 -9.74 -8.23 -35.57
C PHE A 19 -9.98 -7.49 -36.87
N GLY A 20 -9.03 -7.61 -37.81
CA GLY A 20 -9.19 -6.89 -39.06
C GLY A 20 -8.91 -5.40 -38.88
N LEU A 21 -9.20 -4.61 -39.93
CA LEU A 21 -8.95 -3.17 -39.88
C LEU A 21 -9.90 -2.37 -38.99
N ASP A 22 -11.15 -2.79 -38.89
CA ASP A 22 -12.09 -2.01 -38.11
C ASP A 22 -12.95 -2.70 -37.07
N ARG A 23 -12.86 -4.01 -36.94
CA ARG A 23 -13.69 -4.70 -35.96
C ARG A 23 -12.96 -5.11 -34.69
N TYR A 24 -13.70 -5.74 -33.79
CA TYR A 24 -13.18 -6.21 -32.50
C TYR A 24 -14.02 -7.36 -31.94
N GLN A 25 -13.40 -8.19 -31.11
CA GLN A 25 -14.07 -9.31 -30.48
C GLN A 25 -13.76 -9.36 -28.99
N CYS A 26 -14.78 -9.67 -28.19
CA CYS A 26 -14.59 -9.79 -26.76
C CYS A 26 -14.43 -11.26 -26.39
N ASP A 27 -13.37 -11.55 -25.64
CA ASP A 27 -13.06 -12.90 -25.20
C ASP A 27 -13.60 -13.04 -23.79
N CYS A 28 -14.92 -13.19 -23.70
CA CYS A 28 -15.60 -13.29 -22.44
C CYS A 28 -15.23 -14.50 -21.61
N THR A 29 -14.28 -15.31 -22.08
CA THR A 29 -13.86 -16.51 -21.36
C THR A 29 -13.80 -16.34 -19.84
N ARG A 30 -14.42 -17.27 -19.12
CA ARG A 30 -14.48 -17.29 -17.65
C ARG A 30 -14.87 -16.00 -16.94
N THR A 31 -15.65 -15.16 -17.61
CA THR A 31 -16.09 -13.93 -16.99
C THR A 31 -17.45 -14.15 -16.38
N GLY A 32 -18.04 -15.29 -16.71
CA GLY A 32 -19.35 -15.62 -16.20
C GLY A 32 -20.40 -15.10 -17.14
N TYR A 33 -19.97 -14.31 -18.13
CA TYR A 33 -20.91 -13.79 -19.11
C TYR A 33 -20.55 -14.26 -20.50
N SER A 34 -21.48 -14.08 -21.42
CA SER A 34 -21.29 -14.47 -22.80
C SER A 34 -21.88 -13.35 -23.64
N GLY A 35 -21.65 -13.38 -24.94
CA GLY A 35 -22.21 -12.35 -25.80
C GLY A 35 -21.20 -11.45 -26.49
N PRO A 36 -21.67 -10.58 -27.39
CA PRO A 36 -20.78 -9.67 -28.11
C PRO A 36 -19.81 -8.95 -27.19
N ASN A 37 -20.32 -8.40 -26.09
CA ASN A 37 -19.46 -7.69 -25.15
C ASN A 37 -19.55 -8.21 -23.72
N CYS A 38 -19.94 -9.47 -23.57
CA CYS A 38 -20.06 -10.11 -22.26
C CYS A 38 -21.12 -9.47 -21.37
N THR A 39 -22.37 -9.50 -21.83
CA THR A 39 -23.47 -8.92 -21.08
C THR A 39 -24.67 -9.86 -20.99
N ILE A 40 -24.39 -11.16 -20.89
CA ILE A 40 -25.44 -12.16 -20.80
C ILE A 40 -25.04 -13.16 -19.73
N PRO A 41 -25.37 -12.85 -18.48
CA PRO A 41 -25.07 -13.64 -17.28
C PRO A 41 -25.41 -15.11 -17.40
N GLU A 42 -24.43 -15.96 -17.12
CA GLU A 42 -24.69 -17.38 -17.17
C GLU A 42 -25.68 -17.61 -16.05
N ILE A 43 -26.28 -18.78 -16.04
CA ILE A 43 -27.29 -19.09 -15.05
C ILE A 43 -26.89 -18.71 -13.62
N TRP A 44 -25.72 -19.14 -13.19
CA TRP A 44 -25.28 -18.84 -11.84
C TRP A 44 -24.87 -17.39 -11.63
N THR A 45 -24.24 -16.79 -12.63
CA THR A 45 -23.83 -15.39 -12.54
C THR A 45 -25.08 -14.57 -12.27
N TRP A 46 -26.15 -14.91 -13.00
CA TRP A 46 -27.43 -14.24 -12.84
C TRP A 46 -27.88 -14.35 -11.39
N LEU A 47 -27.78 -15.54 -10.81
CA LEU A 47 -28.17 -15.68 -9.41
C LEU A 47 -27.30 -14.78 -8.55
N ARG A 48 -25.99 -15.01 -8.65
CA ARG A 48 -25.04 -14.24 -7.86
C ARG A 48 -25.31 -12.73 -7.92
N THR A 49 -25.40 -12.19 -9.12
CA THR A 49 -25.64 -10.76 -9.24
C THR A 49 -26.99 -10.29 -8.71
N THR A 50 -27.99 -11.17 -8.65
CA THR A 50 -29.29 -10.73 -8.11
C THR A 50 -29.33 -10.92 -6.59
N LEU A 51 -28.36 -11.65 -6.03
CA LEU A 51 -28.33 -11.88 -4.60
C LEU A 51 -27.23 -11.14 -3.83
N ARG A 52 -26.26 -10.58 -4.55
CA ARG A 52 -25.16 -9.88 -3.89
C ARG A 52 -25.51 -8.47 -3.43
N PRO A 53 -25.42 -8.21 -2.12
CA PRO A 53 -25.71 -6.89 -1.55
C PRO A 53 -24.73 -5.84 -2.07
N SER A 54 -25.12 -4.57 -2.02
CA SER A 54 -24.22 -3.53 -2.48
C SER A 54 -23.05 -3.45 -1.51
N PRO A 55 -21.87 -3.06 -1.99
CA PRO A 55 -20.70 -2.95 -1.13
C PRO A 55 -21.04 -1.97 -0.03
N SER A 56 -21.76 -0.91 -0.40
CA SER A 56 -22.20 0.13 0.52
C SER A 56 -22.85 -0.52 1.73
N PHE A 57 -23.71 -1.50 1.45
CA PHE A 57 -24.44 -2.23 2.48
C PHE A 57 -23.52 -3.06 3.39
N ILE A 58 -22.67 -3.88 2.80
CA ILE A 58 -21.75 -4.70 3.59
C ILE A 58 -20.92 -3.80 4.52
N HIS A 59 -20.35 -2.70 4.00
CA HIS A 59 -19.56 -1.82 4.84
C HIS A 59 -20.42 -1.41 6.02
N PHE A 60 -21.73 -1.39 5.81
CA PHE A 60 -22.66 -1.02 6.88
C PHE A 60 -22.69 -2.11 7.97
N LEU A 61 -22.95 -3.34 7.57
CA LEU A 61 -23.00 -4.42 8.52
C LEU A 61 -21.69 -4.53 9.27
N LEU A 62 -20.59 -4.37 8.55
CA LEU A 62 -19.26 -4.48 9.14
C LEU A 62 -18.93 -3.36 10.13
N THR A 63 -19.72 -2.30 10.11
CA THR A 63 -19.46 -1.17 10.99
C THR A 63 -20.63 -0.80 11.91
N HIS A 64 -21.46 -1.77 12.27
CA HIS A 64 -22.61 -1.47 13.13
C HIS A 64 -23.03 -2.41 14.26
N GLY A 65 -23.23 -3.68 13.94
CA GLY A 65 -23.66 -4.63 14.95
C GLY A 65 -22.73 -4.86 16.13
N ARG A 66 -22.35 -3.79 16.82
CA ARG A 66 -21.43 -3.90 17.96
C ARG A 66 -21.87 -4.85 19.06
N TRP A 67 -22.65 -5.87 18.70
CA TRP A 67 -23.12 -6.90 19.63
C TRP A 67 -23.00 -8.21 18.87
N LEU A 68 -23.54 -8.20 17.66
CA LEU A 68 -23.49 -9.36 16.80
C LEU A 68 -22.03 -9.64 16.49
N TRP A 69 -21.23 -8.59 16.42
CA TRP A 69 -19.81 -8.75 16.09
C TRP A 69 -18.97 -9.28 17.25
N ASP A 70 -19.24 -8.80 18.46
CA ASP A 70 -18.50 -9.27 19.62
C ASP A 70 -18.71 -10.78 19.75
N PHE A 71 -19.91 -11.25 19.39
CA PHE A 71 -20.26 -12.67 19.43
C PHE A 71 -19.52 -13.37 18.31
N VAL A 72 -19.83 -12.96 17.09
CA VAL A 72 -19.20 -13.51 15.91
C VAL A 72 -17.69 -13.55 16.12
N ASN A 73 -17.17 -12.52 16.79
CA ASN A 73 -15.74 -12.42 17.07
C ASN A 73 -15.19 -13.53 17.95
N ALA A 74 -15.99 -14.00 18.89
CA ALA A 74 -15.56 -15.05 19.79
C ALA A 74 -15.98 -16.44 19.35
N THR A 75 -16.04 -16.66 18.05
CA THR A 75 -16.42 -17.96 17.53
C THR A 75 -15.76 -18.20 16.17
N PHE A 76 -15.86 -19.44 15.70
CA PHE A 76 -15.33 -19.87 14.41
C PHE A 76 -15.88 -18.97 13.31
N ILE A 77 -17.04 -18.37 13.59
CA ILE A 77 -17.68 -17.49 12.63
C ILE A 77 -16.70 -16.40 12.20
N ARG A 78 -15.65 -16.23 12.98
CA ARG A 78 -14.62 -15.25 12.68
C ARG A 78 -13.79 -15.79 11.51
N ASP A 79 -13.16 -16.94 11.73
CA ASP A 79 -12.34 -17.59 10.71
C ASP A 79 -13.10 -17.70 9.41
N THR A 80 -14.39 -17.96 9.53
CA THR A 80 -15.24 -18.12 8.38
C THR A 80 -15.28 -16.83 7.59
N LEU A 81 -15.57 -15.74 8.29
CA LEU A 81 -15.64 -14.43 7.66
C LEU A 81 -14.26 -14.08 7.13
N MET A 82 -13.23 -14.18 7.97
CA MET A 82 -11.88 -13.87 7.52
C MET A 82 -11.56 -14.63 6.24
N ARG A 83 -11.79 -15.94 6.23
CA ARG A 83 -11.52 -16.74 5.02
C ARG A 83 -12.32 -16.23 3.85
N LEU A 84 -13.53 -15.78 4.14
CA LEU A 84 -14.38 -15.27 3.08
C LEU A 84 -13.71 -14.02 2.57
N VAL A 85 -13.51 -13.06 3.48
CA VAL A 85 -12.86 -11.78 3.18
C VAL A 85 -11.70 -11.96 2.21
N LEU A 86 -10.67 -12.69 2.64
CA LEU A 86 -9.49 -12.93 1.80
C LEU A 86 -9.88 -13.36 0.38
N THR A 87 -10.21 -14.64 0.24
CA THR A 87 -10.60 -15.21 -1.05
C THR A 87 -11.27 -14.22 -2.01
N VAL A 88 -12.53 -13.89 -1.72
CA VAL A 88 -13.33 -12.98 -2.57
C VAL A 88 -12.59 -11.73 -3.01
N ARG A 89 -11.98 -11.05 -2.04
CA ARG A 89 -11.22 -9.84 -2.33
C ARG A 89 -10.03 -10.21 -3.23
N SER A 90 -9.17 -11.10 -2.75
CA SER A 90 -7.98 -11.51 -3.48
C SER A 90 -8.21 -12.11 -4.87
N ASN A 91 -9.42 -12.62 -5.10
CA ASN A 91 -9.74 -13.20 -6.39
C ASN A 91 -9.93 -12.13 -7.48
N LEU A 92 -9.59 -10.88 -7.17
CA LEU A 92 -9.76 -9.80 -8.14
C LEU A 92 -8.49 -9.35 -8.85
N ILE A 93 -7.34 -9.75 -8.33
CA ILE A 93 -6.07 -9.35 -8.91
C ILE A 93 -5.48 -10.47 -9.74
N PRO A 94 -5.50 -10.34 -11.07
CA PRO A 94 -4.95 -11.38 -11.94
C PRO A 94 -3.55 -11.84 -11.53
N SER A 95 -3.37 -13.15 -11.47
CA SER A 95 -2.10 -13.76 -11.08
C SER A 95 -2.03 -15.20 -11.57
N PRO A 96 -1.04 -15.54 -12.41
CA PRO A 96 0.04 -14.72 -12.95
C PRO A 96 -0.42 -13.35 -13.46
N PRO A 97 0.45 -12.31 -13.36
CA PRO A 97 0.18 -10.94 -13.79
C PRO A 97 -0.12 -10.79 -15.27
N THR A 98 -0.78 -9.71 -15.61
CA THR A 98 -1.16 -9.48 -16.99
C THR A 98 -0.34 -8.50 -17.82
N TYR A 99 -0.83 -7.26 -17.92
CA TYR A 99 -0.17 -6.24 -18.74
C TYR A 99 0.77 -5.31 -17.97
N ASN A 100 1.54 -4.53 -18.74
CA ASN A 100 2.47 -3.56 -18.19
C ASN A 100 2.52 -2.37 -19.13
N ILE A 101 3.25 -1.33 -18.74
CA ILE A 101 3.36 -0.12 -19.55
C ILE A 101 3.73 -0.39 -20.98
N ALA A 102 4.35 -1.53 -21.23
CA ALA A 102 4.77 -1.88 -22.57
C ALA A 102 3.83 -2.76 -23.36
N HIS A 103 3.05 -3.59 -22.67
CA HIS A 103 2.14 -4.48 -23.37
C HIS A 103 0.71 -4.51 -22.85
N ASP A 104 -0.23 -4.28 -23.76
CA ASP A 104 -1.66 -4.30 -23.43
C ASP A 104 -2.19 -5.65 -23.83
N TYR A 105 -1.41 -6.69 -23.53
CA TYR A 105 -1.77 -8.06 -23.87
C TYR A 105 -0.81 -9.01 -23.17
N ILE A 106 -1.23 -10.27 -22.96
CA ILE A 106 -0.35 -11.22 -22.28
C ILE A 106 0.90 -11.41 -23.10
N SER A 107 2.03 -11.64 -22.42
CA SER A 107 3.30 -11.83 -23.10
C SER A 107 4.32 -12.42 -22.16
N TRP A 108 5.21 -13.24 -22.70
CA TRP A 108 6.24 -13.86 -21.88
C TRP A 108 7.14 -12.81 -21.27
N GLU A 109 7.25 -11.69 -21.99
CA GLU A 109 8.08 -10.57 -21.54
C GLU A 109 7.44 -10.01 -20.27
N SER A 110 6.15 -9.71 -20.36
CA SER A 110 5.40 -9.15 -19.25
C SER A 110 5.46 -10.02 -18.00
N PHE A 111 5.29 -11.32 -18.20
CA PHE A 111 5.33 -12.27 -17.10
C PHE A 111 6.66 -12.19 -16.37
N SER A 112 7.74 -12.38 -17.10
CA SER A 112 9.11 -12.42 -16.57
C SER A 112 9.92 -11.17 -16.26
N ASN A 113 9.70 -10.06 -16.96
CA ASN A 113 10.50 -8.87 -16.68
C ASN A 113 10.03 -8.15 -15.41
N VAL A 114 10.45 -8.68 -14.27
CA VAL A 114 10.08 -8.13 -12.97
C VAL A 114 10.26 -6.63 -12.79
N SER A 115 10.95 -5.99 -13.72
CA SER A 115 11.17 -4.55 -13.60
C SER A 115 9.87 -3.78 -13.81
N TYR A 116 9.07 -4.22 -14.77
CA TYR A 116 7.80 -3.58 -15.09
C TYR A 116 6.77 -3.66 -13.95
N TYR A 117 6.13 -2.53 -13.63
CA TYR A 117 5.04 -2.56 -12.66
C TYR A 117 3.97 -3.21 -13.54
N THR A 118 2.89 -3.69 -12.95
CA THR A 118 1.87 -4.31 -13.80
C THR A 118 0.54 -3.63 -13.64
N ARG A 119 -0.30 -3.71 -14.66
CA ARG A 119 -1.60 -3.06 -14.58
C ARG A 119 -2.78 -4.04 -14.62
N ILE A 120 -3.89 -3.59 -14.05
CA ILE A 120 -5.10 -4.38 -13.97
C ILE A 120 -5.86 -4.28 -15.26
N LEU A 121 -6.04 -3.05 -15.72
CA LEU A 121 -6.75 -2.78 -16.96
C LEU A 121 -5.76 -2.40 -18.04
N PRO A 122 -6.07 -2.69 -19.30
CA PRO A 122 -5.09 -2.31 -20.31
C PRO A 122 -4.97 -0.80 -20.23
N SER A 123 -4.27 -0.19 -21.15
CA SER A 123 -4.14 1.26 -21.11
C SER A 123 -5.01 1.90 -22.18
N VAL A 124 -5.14 3.21 -22.12
CA VAL A 124 -5.91 3.94 -23.12
C VAL A 124 -5.09 3.89 -24.40
N PRO A 125 -5.64 3.28 -25.44
CA PRO A 125 -4.94 3.18 -26.74
C PRO A 125 -4.31 4.51 -27.17
N ARG A 126 -3.04 4.47 -27.62
CA ARG A 126 -2.37 5.70 -28.03
C ARG A 126 -2.96 6.36 -29.27
N ASP A 127 -4.20 6.00 -29.58
CA ASP A 127 -4.84 6.55 -30.77
C ASP A 127 -6.31 6.87 -30.54
N CYS A 128 -6.74 6.91 -29.29
CA CYS A 128 -8.15 7.19 -29.06
C CYS A 128 -8.43 8.66 -29.16
N PRO A 129 -9.64 9.01 -29.63
CA PRO A 129 -10.07 10.39 -29.79
C PRO A 129 -9.61 11.20 -28.60
N THR A 130 -10.32 11.05 -27.49
CA THR A 130 -10.01 11.76 -26.26
C THR A 130 -8.88 11.06 -25.51
N PRO A 131 -8.23 11.76 -24.58
CA PRO A 131 -7.11 11.28 -23.75
C PRO A 131 -7.49 10.12 -22.84
N MET A 132 -8.78 10.07 -22.48
CA MET A 132 -9.33 9.02 -21.63
C MET A 132 -10.04 7.99 -22.50
N GLY A 133 -10.07 8.23 -23.80
CA GLY A 133 -10.70 7.28 -24.70
C GLY A 133 -11.76 7.84 -25.61
N THR A 134 -12.96 8.01 -25.07
CA THR A 134 -14.08 8.48 -25.87
C THR A 134 -14.69 9.79 -25.39
N LYS A 135 -14.92 9.89 -24.09
CA LYS A 135 -15.54 11.07 -23.53
C LYS A 135 -14.52 12.04 -22.94
N GLY A 136 -14.97 13.25 -22.63
CA GLY A 136 -14.07 14.24 -22.07
C GLY A 136 -13.66 15.26 -23.12
N LYS A 137 -12.72 16.14 -22.75
CA LYS A 137 -12.24 17.17 -23.67
C LYS A 137 -10.90 16.75 -24.27
N LYS A 138 -10.57 17.29 -25.43
CA LYS A 138 -9.32 16.96 -26.09
C LYS A 138 -8.13 17.25 -25.16
N GLN A 139 -8.40 17.85 -24.01
CA GLN A 139 -7.34 18.15 -23.05
C GLN A 139 -7.82 17.91 -21.62
N LEU A 140 -6.97 17.30 -20.81
CA LEU A 140 -7.27 17.01 -19.42
C LEU A 140 -7.01 18.23 -18.55
N PRO A 141 -7.72 18.36 -17.42
CA PRO A 141 -7.49 19.52 -16.57
C PRO A 141 -6.00 19.71 -16.23
N ASP A 142 -5.55 20.96 -16.17
CA ASP A 142 -4.16 21.24 -15.83
C ASP A 142 -3.92 20.74 -14.42
N ALA A 143 -3.15 19.67 -14.31
CA ALA A 143 -2.84 19.07 -13.02
C ALA A 143 -2.43 20.04 -11.92
N GLU A 144 -1.79 21.14 -12.29
CA GLU A 144 -1.36 22.10 -11.27
C GLU A 144 -2.62 22.75 -10.68
N PHE A 145 -3.51 23.15 -11.58
CA PHE A 145 -4.77 23.80 -11.20
C PHE A 145 -5.65 22.83 -10.44
N LEU A 146 -5.99 21.73 -11.12
CA LEU A 146 -6.83 20.68 -10.54
C LEU A 146 -6.35 20.35 -9.13
N SER A 147 -5.07 20.55 -8.88
CA SER A 147 -4.48 20.27 -7.58
C SER A 147 -4.81 21.33 -6.54
N ARG A 148 -4.26 22.53 -6.70
CA ARG A 148 -4.49 23.61 -5.75
C ARG A 148 -5.99 23.83 -5.52
N ARG A 149 -6.77 23.64 -6.58
CA ARG A 149 -8.22 23.85 -6.54
C ARG A 149 -9.01 22.83 -5.73
N PHE A 150 -8.57 21.56 -5.77
CA PHE A 150 -9.27 20.48 -5.06
C PHE A 150 -8.48 19.65 -4.07
N LEU A 151 -7.19 19.45 -4.31
CA LEU A 151 -6.37 18.65 -3.41
C LEU A 151 -5.57 19.44 -2.37
N LEU A 152 -5.43 20.75 -2.55
CA LEU A 152 -4.67 21.56 -1.59
C LEU A 152 -5.41 21.87 -0.29
N ARG A 153 -4.79 21.49 0.81
CA ARG A 153 -5.36 21.71 2.13
C ARG A 153 -5.42 23.17 2.53
N ARG A 154 -6.59 23.60 3.00
CA ARG A 154 -6.77 24.97 3.49
C ARG A 154 -6.72 24.81 5.01
N LYS A 155 -7.81 24.33 5.60
CA LYS A 155 -7.84 24.09 7.04
C LYS A 155 -7.57 22.59 7.22
N PHE A 156 -6.73 22.25 8.19
CA PHE A 156 -6.39 20.86 8.45
C PHE A 156 -7.60 20.06 8.94
N ILE A 157 -7.98 19.06 8.16
CA ILE A 157 -9.09 18.19 8.53
C ILE A 157 -8.51 16.94 9.11
N PRO A 158 -8.67 16.71 10.41
CA PRO A 158 -8.11 15.48 10.96
C PRO A 158 -8.91 14.25 10.55
N ASP A 159 -8.40 13.08 10.88
CA ASP A 159 -9.07 11.83 10.54
C ASP A 159 -10.01 11.36 11.63
N PRO A 160 -11.31 11.32 11.34
CA PRO A 160 -12.32 10.89 12.32
C PRO A 160 -12.04 9.52 12.93
N GLN A 161 -11.40 8.63 12.18
CA GLN A 161 -11.12 7.29 12.70
C GLN A 161 -10.06 7.33 13.79
N GLY A 162 -9.50 8.52 14.03
CA GLY A 162 -8.49 8.63 15.07
C GLY A 162 -7.09 8.21 14.66
N THR A 163 -6.90 7.89 13.39
CA THR A 163 -5.57 7.50 12.90
C THR A 163 -4.53 8.50 13.40
N ASN A 164 -3.30 8.05 13.60
CA ASN A 164 -2.24 8.94 14.09
C ASN A 164 -0.98 8.90 13.24
N LEU A 165 -0.05 9.78 13.56
CA LEU A 165 1.20 9.85 12.82
C LEU A 165 2.05 8.59 12.95
N MET A 166 2.05 7.97 14.12
CA MET A 166 2.83 6.76 14.30
C MET A 166 2.41 5.79 13.20
N PHE A 167 1.18 5.95 12.74
CA PHE A 167 0.65 5.14 11.65
C PHE A 167 1.12 5.78 10.33
N ALA A 168 0.87 7.07 10.20
CA ALA A 168 1.25 7.81 9.01
C ALA A 168 2.64 7.40 8.54
N PHE A 169 3.61 7.39 9.45
CA PHE A 169 4.96 7.02 9.07
C PHE A 169 5.06 5.54 8.75
N PHE A 170 4.70 4.67 9.70
CA PHE A 170 4.76 3.23 9.43
C PHE A 170 4.26 3.01 8.00
N ALA A 171 3.14 3.62 7.67
CA ALA A 171 2.55 3.49 6.36
C ALA A 171 3.56 3.83 5.27
N GLN A 172 4.19 5.00 5.38
CA GLN A 172 5.19 5.43 4.42
C GLN A 172 6.37 4.46 4.31
N HIS A 173 6.98 4.21 5.46
CA HIS A 173 8.11 3.30 5.52
C HIS A 173 7.71 1.99 4.85
N PHE A 174 6.76 1.28 5.46
CA PHE A 174 6.29 0.00 4.92
C PHE A 174 6.06 -0.01 3.41
N THR A 175 5.19 0.85 2.89
CA THR A 175 4.91 0.84 1.47
C THR A 175 6.11 1.11 0.59
N HIS A 176 7.17 1.68 1.16
CA HIS A 176 8.34 2.00 0.35
C HIS A 176 9.24 0.82 -0.01
N GLN A 177 8.80 -0.40 0.32
CA GLN A 177 9.59 -1.56 -0.02
C GLN A 177 9.11 -2.15 -1.33
N PHE A 178 7.86 -1.84 -1.72
CA PHE A 178 7.35 -2.34 -3.00
C PHE A 178 7.25 -1.22 -4.03
N PHE A 179 7.15 0.00 -3.54
CA PHE A 179 7.07 1.15 -4.45
C PHE A 179 8.46 1.81 -4.52
N LYS A 180 9.18 1.57 -5.61
CA LYS A 180 10.50 2.17 -5.82
C LYS A 180 10.61 2.41 -7.31
N THR A 181 10.00 3.49 -7.77
CA THR A 181 10.02 3.78 -9.19
C THR A 181 11.40 4.24 -9.62
N SER A 182 11.95 3.53 -10.60
CA SER A 182 13.27 3.80 -11.15
C SER A 182 13.30 5.01 -12.10
N GLY A 183 13.77 6.15 -11.58
CA GLY A 183 13.86 7.37 -12.37
C GLY A 183 14.51 7.15 -13.73
N LYS A 184 15.63 6.44 -13.74
CA LYS A 184 16.35 6.13 -14.97
C LYS A 184 15.43 5.48 -16.00
N MET A 185 14.70 4.46 -15.56
CA MET A 185 13.77 3.74 -16.43
C MET A 185 12.46 4.52 -16.60
N GLY A 186 12.22 5.46 -15.70
CA GLY A 186 11.03 6.27 -15.80
C GLY A 186 9.82 5.77 -15.04
N PRO A 187 8.62 6.25 -15.41
CA PRO A 187 7.39 5.81 -14.72
C PRO A 187 7.09 4.41 -15.20
N GLY A 188 6.40 3.63 -14.38
CA GLY A 188 6.05 2.28 -14.79
C GLY A 188 7.09 1.19 -14.63
N PHE A 189 8.24 1.53 -14.03
CA PHE A 189 9.31 0.55 -13.79
C PHE A 189 9.66 0.63 -12.30
N THR A 190 10.25 -0.41 -11.73
CA THR A 190 10.57 -0.36 -10.30
C THR A 190 11.89 -0.99 -9.88
N LYS A 191 12.60 -0.33 -8.98
CA LYS A 191 13.87 -0.85 -8.49
C LYS A 191 13.56 -2.03 -7.59
N ALA A 192 12.55 -1.83 -6.74
CA ALA A 192 12.09 -2.84 -5.79
C ALA A 192 11.49 -4.04 -6.51
N LEU A 193 12.36 -4.95 -6.92
CA LEU A 193 11.94 -6.18 -7.58
C LEU A 193 11.51 -6.98 -6.36
N GLY A 194 10.81 -8.09 -6.54
CA GLY A 194 10.38 -8.82 -5.37
C GLY A 194 8.92 -8.53 -5.11
N HIS A 195 8.50 -7.35 -5.50
CA HIS A 195 7.09 -6.95 -5.39
C HIS A 195 6.34 -7.37 -4.13
N GLY A 196 6.76 -6.93 -2.96
CA GLY A 196 6.02 -7.36 -1.81
C GLY A 196 6.62 -7.04 -0.47
N VAL A 197 6.35 -7.90 0.48
CA VAL A 197 6.86 -7.72 1.82
C VAL A 197 8.09 -8.61 2.00
N ASP A 198 9.22 -8.15 1.48
CA ASP A 198 10.46 -8.90 1.60
C ASP A 198 11.43 -8.10 2.42
N LEU A 199 10.92 -7.01 2.98
CA LEU A 199 11.70 -6.12 3.81
C LEU A 199 12.94 -5.59 3.08
N GLY A 200 12.83 -5.58 1.75
CA GLY A 200 13.91 -5.09 0.92
C GLY A 200 13.98 -3.59 1.03
N HIS A 201 13.87 -3.10 2.25
CA HIS A 201 13.93 -1.70 2.52
C HIS A 201 14.59 -1.64 3.89
N ILE A 202 15.05 -2.79 4.33
CA ILE A 202 15.75 -2.93 5.59
C ILE A 202 17.08 -3.56 5.19
N TYR A 203 16.96 -4.71 4.53
CA TYR A 203 18.11 -5.46 4.08
C TYR A 203 18.50 -5.06 2.68
N GLY A 204 17.88 -4.02 2.14
CA GLY A 204 18.22 -3.58 0.81
C GLY A 204 17.67 -4.44 -0.31
N ASP A 205 17.86 -4.00 -1.54
CA ASP A 205 17.34 -4.70 -2.69
C ASP A 205 18.35 -5.27 -3.67
N ASN A 206 19.52 -5.66 -3.19
CA ASN A 206 20.54 -6.29 -4.04
C ASN A 206 21.49 -6.91 -3.05
N LEU A 207 22.04 -8.06 -3.43
CA LEU A 207 22.93 -8.81 -2.53
C LEU A 207 24.04 -7.98 -1.92
N GLU A 208 24.66 -7.17 -2.76
CA GLU A 208 25.75 -6.30 -2.37
C GLU A 208 25.31 -5.42 -1.24
N ARG A 209 24.42 -4.49 -1.56
CA ARG A 209 23.91 -3.55 -0.58
C ARG A 209 23.58 -4.24 0.74
N GLN A 210 23.00 -5.44 0.64
CA GLN A 210 22.64 -6.21 1.81
C GLN A 210 23.91 -6.49 2.58
N TYR A 211 24.84 -7.17 1.90
CA TYR A 211 26.13 -7.53 2.45
C TYR A 211 26.80 -6.32 3.08
N GLN A 212 26.82 -5.21 2.34
CA GLN A 212 27.44 -3.98 2.80
C GLN A 212 26.85 -3.54 4.12
N LEU A 213 25.62 -4.02 4.39
CA LEU A 213 24.88 -3.70 5.61
C LEU A 213 25.00 -4.80 6.65
N ARG A 214 25.32 -6.00 6.18
CA ARG A 214 25.43 -7.13 7.06
C ARG A 214 26.75 -7.18 7.81
N LEU A 215 26.64 -7.36 9.12
CA LEU A 215 27.78 -7.43 10.03
C LEU A 215 28.38 -8.84 10.13
N PHE A 216 28.09 -9.65 9.13
CA PHE A 216 28.53 -11.04 9.06
C PHE A 216 29.08 -11.68 10.31
N LYS A 217 28.29 -11.65 11.39
CA LYS A 217 28.64 -12.27 12.69
C LYS A 217 27.33 -12.41 13.47
N ASP A 218 26.99 -13.63 13.85
CA ASP A 218 25.75 -13.87 14.58
C ASP A 218 24.52 -13.45 13.78
N GLY A 219 24.68 -13.49 12.46
CA GLY A 219 23.61 -13.14 11.54
C GLY A 219 23.02 -11.77 11.77
N LYS A 220 23.72 -10.93 12.53
CA LYS A 220 23.23 -9.60 12.84
C LYS A 220 23.42 -8.56 11.74
N LEU A 221 22.97 -7.35 12.07
CA LEU A 221 23.05 -6.21 11.18
C LEU A 221 24.01 -5.21 11.84
N LYS A 222 24.74 -4.42 11.03
CA LYS A 222 25.69 -3.42 11.57
C LYS A 222 24.98 -2.33 12.33
N TYR A 223 25.62 -1.80 13.35
CA TYR A 223 24.98 -0.75 14.14
C TYR A 223 25.97 0.06 14.97
N GLN A 224 25.47 1.15 15.56
CA GLN A 224 26.31 2.01 16.38
C GLN A 224 25.62 2.58 17.62
N MET A 225 26.30 2.49 18.77
CA MET A 225 25.76 3.00 20.02
C MET A 225 25.94 4.51 20.10
N LEU A 226 24.87 5.22 20.37
CA LEU A 226 24.91 6.67 20.52
C LEU A 226 24.04 6.94 21.74
N ASN A 227 24.66 7.42 22.81
CA ASN A 227 23.94 7.71 24.05
C ASN A 227 23.69 6.38 24.75
N GLY A 228 24.33 5.34 24.24
CA GLY A 228 24.18 4.03 24.84
C GLY A 228 23.03 3.24 24.25
N GLU A 229 22.37 3.82 23.25
CA GLU A 229 21.23 3.19 22.59
C GLU A 229 21.61 2.79 21.16
N VAL A 230 21.11 1.65 20.70
CA VAL A 230 21.43 1.16 19.35
C VAL A 230 20.76 1.86 18.17
N TYR A 231 21.55 2.20 17.16
CA TYR A 231 21.05 2.85 15.96
C TYR A 231 21.70 2.25 14.70
N PRO A 232 21.15 2.54 13.53
CA PRO A 232 21.76 1.97 12.32
C PRO A 232 23.19 2.50 12.20
N PRO A 233 23.99 1.91 11.30
CA PRO A 233 25.37 2.39 11.13
C PRO A 233 25.41 3.52 10.08
N SER A 234 26.57 4.15 9.94
CA SER A 234 26.79 5.23 8.97
C SER A 234 27.58 4.66 7.81
N VAL A 235 27.64 5.39 6.72
CA VAL A 235 28.36 4.91 5.56
C VAL A 235 29.83 4.58 5.90
N GLU A 236 30.31 5.17 6.99
CA GLU A 236 31.67 4.90 7.45
C GLU A 236 31.69 3.57 8.22
N GLU A 237 31.42 2.49 7.48
CA GLU A 237 31.40 1.10 7.96
C GLU A 237 30.33 0.39 7.15
N ALA A 238 29.27 1.14 6.85
CA ALA A 238 28.15 0.65 6.06
C ALA A 238 28.23 1.52 4.80
N PRO A 239 29.31 1.34 4.04
CA PRO A 239 29.63 2.04 2.79
C PRO A 239 28.58 1.90 1.74
N VAL A 240 27.34 2.28 2.01
CA VAL A 240 26.36 2.10 0.96
C VAL A 240 25.58 3.33 0.52
N LEU A 241 25.31 3.35 -0.78
CA LEU A 241 24.58 4.44 -1.41
C LEU A 241 23.39 4.92 -0.59
N MET A 242 23.37 6.22 -0.27
CA MET A 242 22.25 6.81 0.46
C MET A 242 21.74 8.06 -0.27
N HIS A 243 21.22 9.06 0.46
CA HIS A 243 20.68 10.26 -0.18
C HIS A 243 20.69 11.49 0.71
N TYR A 244 21.45 11.42 1.80
CA TYR A 244 21.53 12.54 2.72
C TYR A 244 22.06 13.73 1.94
N PRO A 245 21.62 14.96 2.30
CA PRO A 245 22.08 16.16 1.62
C PRO A 245 23.59 16.44 1.82
N ARG A 246 24.20 16.99 0.77
CA ARG A 246 25.63 17.34 0.76
C ARG A 246 25.97 18.24 1.95
N GLY A 247 26.50 17.67 3.02
CA GLY A 247 26.80 18.48 4.18
C GLY A 247 27.65 17.76 5.21
N ILE A 248 27.25 16.54 5.58
CA ILE A 248 28.02 15.76 6.53
C ILE A 248 27.92 14.28 6.24
N PRO A 249 28.42 13.83 5.08
CA PRO A 249 28.36 12.40 4.72
C PRO A 249 29.06 11.42 5.71
N PRO A 250 29.61 11.93 6.84
CA PRO A 250 30.24 10.96 7.75
C PRO A 250 29.28 10.44 8.82
N GLN A 251 29.27 11.11 9.97
CA GLN A 251 28.40 10.68 11.05
C GLN A 251 26.98 11.23 10.92
N SER A 252 26.06 10.58 11.63
CA SER A 252 24.65 10.92 11.60
C SER A 252 24.16 10.81 10.14
N GLN A 253 24.98 10.14 9.34
CA GLN A 253 24.69 9.92 7.94
C GLN A 253 24.62 8.40 7.89
N MET A 254 23.49 7.88 8.37
CA MET A 254 23.21 6.45 8.49
C MET A 254 22.73 5.67 7.25
N ALA A 255 23.16 4.41 7.19
CA ALA A 255 22.80 3.47 6.11
C ALA A 255 21.68 2.57 6.64
N VAL A 256 20.69 2.28 5.81
CA VAL A 256 19.58 1.50 6.30
C VAL A 256 19.09 0.37 5.43
N GLY A 257 18.93 0.65 4.15
CA GLY A 257 18.44 -0.37 3.26
C GLY A 257 17.48 0.28 2.30
N GLN A 258 16.89 1.38 2.73
CA GLN A 258 15.99 2.11 1.86
C GLN A 258 16.64 3.45 1.56
N GLU A 259 17.31 3.49 0.41
CA GLU A 259 18.05 4.65 -0.08
C GLU A 259 17.61 6.04 0.42
N VAL A 260 16.30 6.29 0.47
CA VAL A 260 15.82 7.61 0.85
C VAL A 260 15.40 7.80 2.30
N PHE A 261 15.57 6.78 3.14
CA PHE A 261 15.13 6.85 4.54
C PHE A 261 15.83 7.77 5.55
N GLY A 262 16.65 8.71 5.06
CA GLY A 262 17.32 9.62 5.96
C GLY A 262 16.65 10.98 5.92
N LEU A 263 15.91 11.19 4.84
CA LEU A 263 15.22 12.45 4.63
C LEU A 263 14.07 12.79 5.57
N LEU A 264 13.75 11.92 6.54
CA LEU A 264 12.67 12.17 7.52
C LEU A 264 12.90 11.32 8.77
N PRO A 265 12.78 11.91 9.97
CA PRO A 265 13.00 11.13 11.19
C PRO A 265 12.06 9.93 11.26
N GLY A 266 10.82 10.14 10.84
CA GLY A 266 9.83 9.09 10.85
C GLY A 266 10.39 7.80 10.27
N LEU A 267 10.80 7.85 9.01
CA LEU A 267 11.34 6.67 8.37
C LEU A 267 12.55 6.16 9.11
N MET A 268 13.55 7.01 9.30
CA MET A 268 14.77 6.60 10.01
C MET A 268 14.40 6.01 11.38
N LEU A 269 13.35 6.55 12.00
CA LEU A 269 12.89 6.05 13.30
C LEU A 269 12.54 4.59 13.16
N TYR A 270 11.50 4.33 12.40
CA TYR A 270 11.09 2.96 12.18
C TYR A 270 12.29 2.11 11.78
N ALA A 271 13.11 2.62 10.87
CA ALA A 271 14.30 1.90 10.40
C ALA A 271 15.12 1.43 11.59
N THR A 272 15.31 2.32 12.56
CA THR A 272 16.06 1.99 13.77
C THR A 272 15.36 0.84 14.47
N ILE A 273 14.04 0.95 14.57
CA ILE A 273 13.21 -0.05 15.25
C ILE A 273 13.30 -1.45 14.67
N TRP A 274 13.17 -1.56 13.35
CA TRP A 274 13.25 -2.88 12.76
C TRP A 274 14.66 -3.47 12.90
N LEU A 275 15.69 -2.72 12.50
CA LEU A 275 17.05 -3.22 12.64
C LEU A 275 17.29 -3.68 14.07
N ARG A 276 16.87 -2.87 15.02
CA ARG A 276 17.05 -3.21 16.41
C ARG A 276 16.27 -4.47 16.78
N GLU A 277 15.30 -4.84 15.96
CA GLU A 277 14.49 -6.03 16.19
C GLU A 277 15.20 -7.26 15.61
N HIS A 278 15.55 -7.17 14.34
CA HIS A 278 16.26 -8.24 13.64
C HIS A 278 17.36 -8.82 14.51
N ASN A 279 18.29 -7.96 14.91
CA ASN A 279 19.41 -8.35 15.75
C ASN A 279 18.90 -9.04 17.01
N ARG A 280 17.72 -8.62 17.48
CA ARG A 280 17.12 -9.19 18.67
C ARG A 280 16.72 -10.63 18.40
N VAL A 281 16.09 -10.85 17.25
CA VAL A 281 15.67 -12.20 16.86
C VAL A 281 16.92 -13.08 16.91
N CYS A 282 17.97 -12.65 16.21
CA CYS A 282 19.24 -13.37 16.16
C CYS A 282 19.68 -13.87 17.53
N ASP A 283 19.66 -12.97 18.51
CA ASP A 283 20.07 -13.35 19.85
C ASP A 283 19.27 -14.58 20.28
N LEU A 284 17.96 -14.52 20.09
CA LEU A 284 17.10 -15.64 20.45
C LEU A 284 17.51 -16.88 19.66
N LEU A 285 17.42 -16.80 18.34
CA LEU A 285 17.79 -17.92 17.48
C LEU A 285 19.14 -18.51 17.85
N LYS A 286 20.16 -17.67 17.92
CA LYS A 286 21.52 -18.12 18.26
C LYS A 286 21.59 -18.93 19.55
N ALA A 287 20.74 -18.62 20.51
CA ALA A 287 20.75 -19.34 21.78
C ALA A 287 20.06 -20.67 21.60
N GLU A 288 19.11 -20.69 20.68
CA GLU A 288 18.35 -21.89 20.39
C GLU A 288 19.15 -22.78 19.45
N HIS A 289 20.02 -22.18 18.65
CA HIS A 289 20.82 -22.96 17.70
C HIS A 289 22.30 -22.61 17.67
N PRO A 290 23.06 -22.95 18.73
CA PRO A 290 24.49 -22.65 18.73
C PRO A 290 25.20 -23.15 17.49
N THR A 291 24.99 -24.41 17.16
CA THR A 291 25.61 -25.03 16.00
C THR A 291 25.21 -24.41 14.68
N TRP A 292 24.70 -23.20 14.69
CA TRP A 292 24.27 -22.54 13.46
C TRP A 292 25.28 -21.53 12.92
N GLY A 293 25.31 -21.36 11.60
CA GLY A 293 26.23 -20.41 10.98
C GLY A 293 25.74 -18.99 11.02
N ASP A 294 26.26 -18.16 10.12
CA ASP A 294 25.85 -16.76 10.06
C ASP A 294 24.71 -16.61 9.08
N GLU A 295 24.91 -17.13 7.88
CA GLU A 295 23.88 -17.08 6.83
C GLU A 295 22.53 -17.49 7.39
N GLN A 296 22.49 -18.65 8.05
CA GLN A 296 21.24 -19.11 8.63
C GLN A 296 20.71 -18.03 9.54
N LEU A 297 21.35 -17.84 10.69
CA LEU A 297 20.92 -16.83 11.63
C LEU A 297 20.34 -15.61 10.93
N PHE A 298 21.01 -15.15 9.89
CA PHE A 298 20.51 -14.00 9.16
C PHE A 298 19.19 -14.33 8.51
N GLN A 299 19.21 -15.17 7.48
CA GLN A 299 18.00 -15.56 6.75
C GLN A 299 16.80 -15.91 7.62
N THR A 300 17.01 -16.70 8.68
CA THR A 300 15.92 -17.10 9.55
C THR A 300 15.31 -15.90 10.23
N ALA A 301 16.15 -15.03 10.77
CA ALA A 301 15.65 -13.84 11.43
C ALA A 301 14.89 -12.98 10.44
N ARG A 302 15.36 -12.91 9.19
CA ARG A 302 14.68 -12.10 8.21
C ARG A 302 13.24 -12.54 8.06
N LEU A 303 13.05 -13.81 7.72
CA LEU A 303 11.73 -14.39 7.57
C LEU A 303 10.87 -14.12 8.81
N ILE A 304 11.44 -14.22 9.99
CA ILE A 304 10.70 -13.94 11.22
C ILE A 304 10.20 -12.50 11.24
N LEU A 305 10.80 -11.64 10.43
CA LEU A 305 10.38 -10.25 10.40
C LEU A 305 9.39 -10.07 9.27
N ILE A 306 9.51 -10.90 8.24
CA ILE A 306 8.58 -10.82 7.13
C ILE A 306 7.26 -11.33 7.69
N GLY A 307 7.36 -12.14 8.73
CA GLY A 307 6.18 -12.67 9.37
C GLY A 307 5.63 -11.57 10.24
N GLU A 308 6.38 -11.19 11.27
CA GLU A 308 5.97 -10.13 12.17
C GLU A 308 5.34 -8.94 11.43
N THR A 309 5.95 -8.54 10.32
CA THR A 309 5.43 -7.41 9.55
C THR A 309 4.08 -7.73 8.93
N ILE A 310 3.98 -8.87 8.24
CA ILE A 310 2.73 -9.26 7.62
C ILE A 310 1.60 -9.41 8.65
N LYS A 311 1.98 -9.68 9.90
CA LYS A 311 0.98 -9.83 10.94
C LYS A 311 0.52 -8.49 11.44
N ILE A 312 1.46 -7.66 11.89
CA ILE A 312 1.09 -6.34 12.38
C ILE A 312 0.34 -5.56 11.31
N VAL A 313 0.78 -5.67 10.07
CA VAL A 313 0.10 -4.96 9.00
C VAL A 313 -1.38 -5.34 8.96
N ILE A 314 -1.68 -6.63 9.05
CA ILE A 314 -3.06 -7.09 9.00
C ILE A 314 -3.88 -6.90 10.28
N GLU A 315 -3.50 -7.54 11.37
CA GLU A 315 -4.28 -7.43 12.60
C GLU A 315 -4.28 -6.08 13.30
N GLU A 316 -3.52 -5.11 12.77
CA GLU A 316 -3.48 -3.78 13.40
C GLU A 316 -3.54 -2.62 12.42
N TYR A 317 -2.73 -2.68 11.36
CA TYR A 317 -2.70 -1.61 10.35
C TYR A 317 -4.01 -1.58 9.57
N VAL A 318 -4.33 -2.70 8.91
CA VAL A 318 -5.55 -2.78 8.13
C VAL A 318 -6.78 -2.67 9.03
N GLN A 319 -6.64 -3.07 10.29
CA GLN A 319 -7.73 -3.00 11.25
C GLN A 319 -8.15 -1.53 11.39
N GLN A 320 -7.29 -0.74 12.03
CA GLN A 320 -7.53 0.68 12.24
C GLN A 320 -8.15 1.30 11.02
N LEU A 321 -7.52 1.05 9.88
CA LEU A 321 -7.97 1.58 8.62
C LEU A 321 -9.42 1.27 8.31
N SER A 322 -9.75 -0.02 8.29
CA SER A 322 -11.09 -0.50 7.97
C SER A 322 -12.22 0.14 8.77
N GLY A 323 -12.13 0.07 10.09
CA GLY A 323 -13.16 0.61 10.94
C GLY A 323 -14.11 -0.51 11.28
N TYR A 324 -13.78 -1.70 10.80
CA TYR A 324 -14.58 -2.89 11.04
C TYR A 324 -14.69 -3.27 12.51
N PHE A 325 -15.71 -4.06 12.81
CA PHE A 325 -15.96 -4.57 14.16
C PHE A 325 -15.50 -6.01 14.06
N LEU A 326 -15.41 -6.49 12.83
CA LEU A 326 -14.93 -7.84 12.60
C LEU A 326 -13.46 -7.70 12.95
N GLN A 327 -12.93 -8.64 13.70
CA GLN A 327 -11.56 -8.56 14.11
C GLN A 327 -10.62 -9.29 13.16
N LEU A 328 -10.19 -8.61 12.10
CA LEU A 328 -9.29 -9.20 11.10
C LEU A 328 -8.24 -10.08 11.75
N LYS A 329 -7.84 -11.15 11.05
CA LYS A 329 -6.87 -12.10 11.58
C LYS A 329 -5.92 -12.65 10.52
N PHE A 330 -4.67 -12.87 10.92
CA PHE A 330 -3.64 -13.39 10.01
C PHE A 330 -3.36 -14.85 10.31
N ASP A 331 -3.88 -15.73 9.47
CA ASP A 331 -3.69 -17.15 9.62
C ASP A 331 -3.55 -17.76 8.23
N PRO A 332 -2.32 -17.86 7.73
CA PRO A 332 -2.04 -18.42 6.41
C PRO A 332 -2.85 -19.67 6.11
N GLU A 333 -3.17 -20.44 7.15
CA GLU A 333 -3.91 -21.69 6.96
C GLU A 333 -5.34 -21.53 6.47
N LEU A 334 -5.92 -20.35 6.68
CA LEU A 334 -7.29 -20.10 6.25
C LEU A 334 -7.46 -20.25 4.75
N LEU A 335 -6.37 -20.13 4.00
CA LEU A 335 -6.44 -20.25 2.56
C LEU A 335 -5.88 -21.58 2.12
N PHE A 336 -5.43 -22.39 3.05
CA PHE A 336 -4.86 -23.67 2.67
C PHE A 336 -5.77 -24.54 1.81
N GLY A 337 -7.07 -24.29 1.86
CA GLY A 337 -7.99 -25.11 1.08
C GLY A 337 -8.52 -24.45 -0.18
N ALA A 338 -8.02 -23.25 -0.47
CA ALA A 338 -8.47 -22.50 -1.63
C ALA A 338 -7.54 -22.69 -2.81
N GLN A 339 -7.84 -21.97 -3.88
CA GLN A 339 -7.01 -21.97 -5.06
C GLN A 339 -6.40 -20.59 -5.02
N PHE A 340 -5.17 -20.51 -4.52
CA PHE A 340 -4.48 -19.25 -4.35
C PHE A 340 -3.05 -19.32 -4.80
N GLN A 341 -2.63 -18.37 -5.61
CA GLN A 341 -1.28 -18.31 -6.12
C GLN A 341 -0.39 -17.50 -5.18
N TYR A 342 0.62 -18.14 -4.60
CA TYR A 342 1.52 -17.40 -3.72
C TYR A 342 2.52 -16.67 -4.59
N ARG A 343 2.10 -15.52 -5.10
CA ARG A 343 2.96 -14.75 -5.97
C ARG A 343 2.31 -13.42 -6.28
N ASN A 344 3.03 -12.34 -6.02
CA ASN A 344 2.51 -11.01 -6.28
C ASN A 344 3.43 -10.22 -7.20
N ARG A 345 2.93 -9.08 -7.66
CA ARG A 345 3.67 -8.22 -8.57
C ARG A 345 2.97 -6.88 -8.50
N ILE A 346 3.56 -5.93 -7.78
CA ILE A 346 2.97 -4.61 -7.61
C ILE A 346 2.45 -3.98 -8.90
N ALA A 347 1.28 -3.38 -8.78
CA ALA A 347 0.61 -2.75 -9.90
C ALA A 347 0.80 -1.25 -9.84
N MET A 348 0.65 -0.58 -10.96
CA MET A 348 0.80 0.86 -10.99
C MET A 348 -0.42 1.54 -10.37
N GLU A 349 -1.61 0.97 -10.58
CA GLU A 349 -2.81 1.54 -9.99
C GLU A 349 -2.74 1.40 -8.49
N PHE A 350 -2.09 0.34 -8.01
CA PHE A 350 -1.96 0.11 -6.58
C PHE A 350 -1.03 1.17 -6.06
N ASN A 351 -0.01 1.49 -6.85
CA ASN A 351 0.94 2.52 -6.49
C ASN A 351 0.17 3.82 -6.38
N GLN A 352 -0.41 4.26 -7.49
CA GLN A 352 -1.18 5.49 -7.52
C GLN A 352 -2.08 5.64 -6.29
N LEU A 353 -2.97 4.67 -6.12
CA LEU A 353 -3.94 4.62 -5.03
C LEU A 353 -3.36 4.75 -3.62
N TYR A 354 -2.11 4.36 -3.45
CA TYR A 354 -1.48 4.41 -2.14
C TYR A 354 -0.83 5.75 -1.83
N HIS A 355 -1.11 6.78 -2.62
CA HIS A 355 -0.52 8.08 -2.37
C HIS A 355 -1.36 8.84 -1.37
N TRP A 356 -1.26 8.42 -0.12
CA TRP A 356 -2.01 9.03 0.96
C TRP A 356 -1.24 10.17 1.61
N HIS A 357 -0.73 11.09 0.80
CA HIS A 357 0.04 12.20 1.34
C HIS A 357 -0.68 13.13 2.32
N PRO A 358 -2.03 13.23 2.21
CA PRO A 358 -2.77 14.10 3.12
C PRO A 358 -2.80 13.61 4.58
N LEU A 359 -2.20 12.46 4.84
CA LEU A 359 -2.14 11.95 6.21
C LEU A 359 -1.22 12.89 6.98
N MET A 360 -0.33 13.55 6.24
CA MET A 360 0.65 14.45 6.83
C MET A 360 0.02 15.69 7.46
N PRO A 361 0.49 16.04 8.67
CA PRO A 361 0.00 17.19 9.44
C PRO A 361 0.43 18.54 8.90
N ASP A 362 0.32 19.54 9.78
CA ASP A 362 0.71 20.90 9.46
C ASP A 362 2.10 21.09 10.01
N SER A 363 2.30 20.68 11.25
CA SER A 363 3.60 20.75 11.91
C SER A 363 3.81 19.43 12.65
N PHE A 364 4.94 19.27 13.31
CA PHE A 364 5.21 18.04 14.02
C PHE A 364 5.46 18.30 15.49
N ARG A 365 4.49 17.99 16.33
CA ARG A 365 4.63 18.23 17.76
C ARG A 365 5.38 17.08 18.42
N VAL A 366 6.46 17.43 19.11
CA VAL A 366 7.27 16.46 19.83
C VAL A 366 7.43 16.96 21.26
N GLY A 367 6.30 16.98 21.98
CA GLY A 367 6.30 17.44 23.36
C GLY A 367 6.00 18.92 23.39
N PRO A 368 6.79 19.71 24.11
CA PRO A 368 6.50 21.15 24.13
C PRO A 368 6.94 21.73 22.79
N GLN A 369 7.99 21.16 22.20
CA GLN A 369 8.51 21.62 20.92
C GLN A 369 7.46 21.39 19.82
N ASP A 370 7.57 22.10 18.70
CA ASP A 370 6.61 21.96 17.60
C ASP A 370 7.23 22.21 16.22
N TYR A 371 8.22 21.41 15.84
CA TYR A 371 8.91 21.53 14.55
C TYR A 371 8.04 21.73 13.32
N SER A 372 8.64 22.34 12.31
CA SER A 372 7.95 22.63 11.06
C SER A 372 8.58 21.79 9.98
N TYR A 373 8.10 21.93 8.75
CA TYR A 373 8.68 21.15 7.66
C TYR A 373 10.16 21.42 7.47
N GLU A 374 10.54 22.68 7.64
CA GLU A 374 11.93 23.09 7.51
C GLU A 374 12.74 22.39 8.60
N GLN A 375 12.29 22.54 9.85
CA GLN A 375 12.98 21.92 10.97
C GLN A 375 12.98 20.38 10.87
N PHE A 376 11.89 19.83 10.31
CA PHE A 376 11.71 18.38 10.19
C PHE A 376 12.38 17.75 9.01
N LEU A 377 11.87 18.03 7.81
CA LEU A 377 12.48 17.46 6.62
C LEU A 377 14.01 17.49 6.71
N PHE A 378 14.65 16.45 6.21
CA PHE A 378 16.10 16.38 6.21
C PHE A 378 16.78 16.63 7.53
N ASN A 379 16.03 16.96 8.58
CA ASN A 379 16.68 17.17 9.86
C ASN A 379 17.56 15.94 9.99
N THR A 380 18.58 15.96 10.83
CA THR A 380 19.42 14.78 10.90
C THR A 380 19.91 14.42 12.26
N SER A 381 19.20 14.86 13.28
CA SER A 381 19.59 14.58 14.66
C SER A 381 18.39 14.40 15.58
N MET A 382 17.22 14.85 15.12
CA MET A 382 15.99 14.74 15.91
C MET A 382 15.87 13.34 16.47
N LEU A 383 16.20 12.34 15.65
CA LEU A 383 16.12 10.95 16.06
C LEU A 383 16.97 10.64 17.28
N VAL A 384 18.28 10.88 17.15
CA VAL A 384 19.17 10.59 18.26
C VAL A 384 19.06 11.64 19.34
N ASP A 385 18.54 12.80 18.98
CA ASP A 385 18.40 13.84 19.97
C ASP A 385 17.28 13.39 20.90
N TYR A 386 16.09 13.24 20.34
CA TYR A 386 14.91 12.84 21.11
C TYR A 386 14.87 11.41 21.62
N GLY A 387 15.18 10.45 20.76
CA GLY A 387 15.16 9.05 21.18
C GLY A 387 13.90 8.32 20.76
N VAL A 388 14.06 7.08 20.33
CA VAL A 388 12.92 6.26 19.90
C VAL A 388 11.77 6.38 20.87
N GLU A 389 11.97 5.92 22.10
CA GLU A 389 10.91 6.01 23.10
C GLU A 389 10.12 7.30 22.93
N ALA A 390 10.80 8.42 23.15
CA ALA A 390 10.17 9.72 23.06
C ALA A 390 9.56 10.10 21.71
N LEU A 391 10.21 9.75 20.60
CA LEU A 391 9.64 10.11 19.31
C LEU A 391 8.45 9.27 18.87
N VAL A 392 8.37 8.04 19.36
CA VAL A 392 7.23 7.18 19.05
C VAL A 392 6.05 7.78 19.81
N ASP A 393 6.25 8.01 21.11
CA ASP A 393 5.22 8.59 21.94
C ASP A 393 4.68 9.88 21.33
N ALA A 394 5.55 10.67 20.70
CA ALA A 394 5.16 11.93 20.10
C ALA A 394 4.29 11.74 18.85
N PHE A 395 4.59 10.72 18.06
CA PHE A 395 3.82 10.48 16.86
C PHE A 395 2.52 9.77 17.22
N SER A 396 2.62 8.76 18.08
CA SER A 396 1.43 8.02 18.48
C SER A 396 0.40 8.95 19.11
N ARG A 397 0.80 10.16 19.46
CA ARG A 397 -0.12 11.11 20.08
C ARG A 397 -0.69 12.16 19.16
N GLN A 398 0.03 12.57 18.14
CA GLN A 398 -0.50 13.60 17.25
C GLN A 398 -1.34 12.95 16.16
N PRO A 399 -2.52 13.50 15.90
CA PRO A 399 -3.39 12.93 14.86
C PRO A 399 -2.88 13.15 13.45
N ALA A 400 -3.33 12.28 12.54
CA ALA A 400 -2.98 12.34 11.13
C ALA A 400 -4.12 13.06 10.46
N GLY A 401 -4.18 13.04 9.13
CA GLY A 401 -5.27 13.74 8.47
C GLY A 401 -6.17 12.86 7.63
N ARG A 402 -7.40 13.29 7.43
CA ARG A 402 -8.33 12.51 6.62
C ARG A 402 -7.75 12.37 5.22
N ILE A 403 -7.73 11.15 4.71
CA ILE A 403 -7.19 10.90 3.39
C ILE A 403 -8.09 11.36 2.27
N GLY A 404 -9.38 11.09 2.37
CA GLY A 404 -10.30 11.50 1.32
C GLY A 404 -11.03 12.79 1.60
N GLY A 405 -12.20 12.94 0.98
CA GLY A 405 -12.97 14.15 1.19
C GLY A 405 -12.61 15.26 0.21
N GLY A 406 -11.31 15.46 0.03
CA GLY A 406 -10.83 16.49 -0.87
C GLY A 406 -10.26 17.66 -0.10
N ARG A 407 -9.26 18.32 -0.68
CA ARG A 407 -8.63 19.47 -0.04
C ARG A 407 -8.06 19.17 1.31
N ASN A 408 -7.04 18.33 1.40
CA ASN A 408 -6.48 18.07 2.71
C ASN A 408 -5.01 17.68 2.64
N ILE A 409 -4.36 18.03 1.53
CA ILE A 409 -2.94 17.75 1.31
C ILE A 409 -2.19 19.06 1.60
N ASP A 410 -1.34 19.06 2.63
CA ASP A 410 -0.55 20.23 2.98
C ASP A 410 0.12 20.79 1.71
N HIS A 411 0.38 22.09 1.67
CA HIS A 411 0.99 22.71 0.49
C HIS A 411 2.40 22.21 0.21
N HIS A 412 3.23 22.16 1.25
CA HIS A 412 4.60 21.72 1.11
C HIS A 412 4.74 20.54 0.16
N ILE A 413 3.97 19.48 0.42
CA ILE A 413 4.03 18.28 -0.39
C ILE A 413 3.02 18.29 -1.52
N LEU A 414 2.17 19.31 -1.59
CA LEU A 414 1.19 19.32 -2.65
C LEU A 414 1.79 19.00 -4.00
N HIS A 415 3.11 19.12 -4.14
CA HIS A 415 3.71 18.84 -5.44
C HIS A 415 3.62 17.37 -5.84
N VAL A 416 3.77 16.48 -4.86
CA VAL A 416 3.72 15.05 -5.15
C VAL A 416 2.47 14.73 -5.95
N ALA A 417 1.32 15.13 -5.41
CA ALA A 417 0.03 14.88 -6.03
C ALA A 417 -0.05 15.33 -7.48
N VAL A 418 0.60 16.45 -7.80
CA VAL A 418 0.58 16.96 -9.16
C VAL A 418 1.29 16.02 -10.11
N ASP A 419 2.41 15.47 -9.66
CA ASP A 419 3.17 14.54 -10.47
C ASP A 419 2.36 13.27 -10.71
N VAL A 420 1.68 12.82 -9.67
CA VAL A 420 0.87 11.62 -9.79
C VAL A 420 -0.12 11.81 -10.94
N ILE A 421 -0.83 12.94 -10.96
CA ILE A 421 -1.79 13.20 -12.02
C ILE A 421 -1.05 13.33 -13.35
N LYS A 422 0.21 13.76 -13.29
CA LYS A 422 1.01 13.90 -14.50
C LYS A 422 1.40 12.50 -14.94
N GLU A 423 1.97 11.74 -14.02
CA GLU A 423 2.40 10.38 -14.32
C GLU A 423 1.21 9.55 -14.79
N SER A 424 0.14 9.51 -14.01
CA SER A 424 -1.05 8.76 -14.38
C SER A 424 -1.35 8.91 -15.87
N ARG A 425 -1.18 10.13 -16.39
CA ARG A 425 -1.45 10.42 -17.79
C ARG A 425 -0.42 9.83 -18.74
N VAL A 426 0.82 9.78 -18.28
CA VAL A 426 1.90 9.22 -19.09
C VAL A 426 1.56 7.75 -19.24
N LEU A 427 1.16 7.13 -18.13
CA LEU A 427 0.80 5.72 -18.09
C LEU A 427 -0.47 5.47 -18.87
N ARG A 428 -1.30 6.50 -19.00
CA ARG A 428 -2.54 6.35 -19.74
C ARG A 428 -3.48 5.37 -19.05
N LEU A 429 -3.75 5.64 -17.77
CA LEU A 429 -4.65 4.81 -16.96
C LEU A 429 -6.06 5.14 -17.43
N GLN A 430 -6.93 4.13 -17.51
CA GLN A 430 -8.32 4.33 -17.93
C GLN A 430 -9.03 5.19 -16.88
N PRO A 431 -10.22 5.69 -17.20
CA PRO A 431 -11.01 6.55 -16.31
C PRO A 431 -11.52 5.92 -15.00
N PHE A 432 -11.60 6.74 -13.95
CA PHE A 432 -12.07 6.30 -12.65
C PHE A 432 -13.16 5.27 -12.82
N ASN A 433 -14.25 5.67 -13.47
CA ASN A 433 -15.37 4.76 -13.68
C ASN A 433 -14.95 3.39 -14.19
N GLU A 434 -14.08 3.35 -15.19
CA GLU A 434 -13.64 2.08 -15.68
C GLU A 434 -13.02 1.25 -14.56
N TYR A 435 -12.26 1.90 -13.70
CA TYR A 435 -11.67 1.18 -12.59
C TYR A 435 -12.72 0.84 -11.54
N ARG A 436 -13.78 1.62 -11.46
CA ARG A 436 -14.83 1.34 -10.49
C ARG A 436 -15.49 0.02 -10.91
N LYS A 437 -15.86 -0.09 -12.18
CA LYS A 437 -16.47 -1.33 -12.66
C LYS A 437 -15.54 -2.47 -12.29
N ARG A 438 -14.36 -2.46 -12.90
CA ARG A 438 -13.36 -3.49 -12.67
C ARG A 438 -13.27 -4.00 -11.24
N PHE A 439 -13.48 -3.15 -10.25
CA PHE A 439 -13.41 -3.63 -8.89
C PHE A 439 -14.75 -3.92 -8.25
N GLY A 440 -15.71 -4.30 -9.09
CA GLY A 440 -17.04 -4.65 -8.64
C GLY A 440 -17.98 -3.56 -8.17
N MET A 441 -17.94 -2.40 -8.80
CA MET A 441 -18.81 -1.30 -8.42
C MET A 441 -19.57 -0.73 -9.61
N LYS A 442 -20.42 0.25 -9.34
CA LYS A 442 -21.20 0.87 -10.39
C LYS A 442 -20.51 2.18 -10.76
N PRO A 443 -20.49 2.52 -12.06
CA PRO A 443 -19.85 3.77 -12.45
C PRO A 443 -20.70 4.94 -11.96
N TYR A 444 -20.06 6.01 -11.50
CA TYR A 444 -20.83 7.16 -11.03
C TYR A 444 -21.55 7.79 -12.21
N THR A 445 -22.75 8.27 -11.97
CA THR A 445 -23.56 8.86 -13.03
C THR A 445 -23.41 10.38 -13.08
N SER A 446 -22.75 10.95 -12.08
CA SER A 446 -22.54 12.39 -12.01
C SER A 446 -21.46 12.75 -10.98
N PHE A 447 -20.92 13.97 -11.07
CA PHE A 447 -19.91 14.39 -10.11
C PHE A 447 -20.65 14.68 -8.82
N GLN A 448 -21.90 15.09 -8.95
CA GLN A 448 -22.72 15.39 -7.80
C GLN A 448 -22.81 14.09 -7.02
N GLU A 449 -22.99 12.99 -7.73
CA GLU A 449 -23.10 11.68 -7.11
C GLU A 449 -21.74 11.26 -6.53
N LEU A 450 -20.66 11.62 -7.22
CA LEU A 450 -19.32 11.30 -6.76
C LEU A 450 -19.04 11.98 -5.44
N THR A 451 -19.04 13.31 -5.48
CA THR A 451 -18.78 14.13 -4.29
C THR A 451 -20.05 14.36 -3.46
N GLY A 452 -19.92 14.22 -2.15
CA GLY A 452 -21.09 14.42 -1.31
C GLY A 452 -21.74 15.81 -1.40
N GLU A 453 -20.98 16.78 -1.89
CA GLU A 453 -21.49 18.13 -2.00
C GLU A 453 -21.97 18.50 -3.39
N LYS A 454 -21.92 19.80 -3.70
CA LYS A 454 -22.37 20.30 -4.99
C LYS A 454 -21.40 21.30 -5.59
N GLU A 455 -20.70 22.03 -4.73
CA GLU A 455 -19.73 23.02 -5.20
C GLU A 455 -18.63 22.32 -6.00
N MET A 456 -17.67 21.71 -5.32
CA MET A 456 -16.58 20.99 -5.97
C MET A 456 -17.05 20.29 -7.22
N ALA A 457 -18.10 19.51 -7.04
CA ALA A 457 -18.72 18.73 -8.10
C ALA A 457 -18.93 19.50 -9.41
N ALA A 458 -19.74 20.55 -9.34
CA ALA A 458 -20.06 21.38 -10.50
C ALA A 458 -18.79 21.89 -11.20
N GLU A 459 -17.84 22.34 -10.40
CA GLU A 459 -16.59 22.87 -10.94
C GLU A 459 -15.82 21.83 -11.75
N LEU A 460 -15.85 20.58 -11.29
CA LEU A 460 -15.17 19.48 -11.96
C LEU A 460 -15.86 19.16 -13.26
N GLU A 461 -17.19 19.01 -13.23
CA GLU A 461 -17.91 18.74 -14.46
C GLU A 461 -17.48 19.76 -15.49
N GLU A 462 -17.45 21.01 -15.05
CA GLU A 462 -17.07 22.14 -15.89
C GLU A 462 -15.68 21.91 -16.49
N LEU A 463 -14.82 21.20 -15.78
CA LEU A 463 -13.48 20.91 -16.24
C LEU A 463 -13.39 19.65 -17.10
N TYR A 464 -13.76 18.51 -16.54
CA TYR A 464 -13.70 17.23 -17.24
C TYR A 464 -14.81 17.09 -18.30
N GLY A 465 -15.87 17.87 -18.13
CA GLY A 465 -16.96 17.86 -19.08
C GLY A 465 -17.85 16.65 -19.04
N ASP A 466 -17.30 15.56 -18.52
CA ASP A 466 -18.03 14.31 -18.41
C ASP A 466 -17.47 13.47 -17.26
N ILE A 467 -18.36 12.97 -16.40
CA ILE A 467 -17.95 12.15 -15.27
C ILE A 467 -17.06 11.00 -15.73
N ASP A 468 -17.43 10.40 -16.86
CA ASP A 468 -16.69 9.28 -17.42
C ASP A 468 -15.25 9.59 -17.72
N ALA A 469 -14.95 10.86 -17.99
CA ALA A 469 -13.60 11.26 -18.31
C ALA A 469 -12.74 11.44 -17.08
N LEU A 470 -13.38 11.62 -15.92
CA LEU A 470 -12.65 11.80 -14.68
C LEU A 470 -11.48 10.84 -14.58
N GLU A 471 -10.47 11.23 -13.81
CA GLU A 471 -9.25 10.44 -13.65
C GLU A 471 -9.17 9.58 -12.39
N PHE A 472 -8.29 8.57 -12.43
CA PHE A 472 -8.09 7.64 -11.32
C PHE A 472 -7.71 8.30 -9.99
N TYR A 473 -6.55 8.95 -9.92
CA TYR A 473 -6.14 9.55 -8.65
C TYR A 473 -7.07 10.64 -8.11
N PRO A 474 -7.51 11.57 -8.96
CA PRO A 474 -8.40 12.63 -8.48
C PRO A 474 -9.73 12.10 -7.97
N GLY A 475 -10.28 11.09 -8.65
CA GLY A 475 -11.54 10.51 -8.24
C GLY A 475 -11.43 9.91 -6.85
N LEU A 476 -10.48 9.02 -6.66
CA LEU A 476 -10.26 8.41 -5.37
C LEU A 476 -10.19 9.43 -4.26
N LEU A 477 -9.45 10.51 -4.46
CA LEU A 477 -9.32 11.52 -3.41
C LEU A 477 -10.42 12.54 -3.36
N LEU A 478 -11.25 12.59 -4.39
CA LEU A 478 -12.35 13.54 -4.43
C LEU A 478 -13.69 12.85 -4.15
N GLU A 479 -13.64 11.54 -3.95
CA GLU A 479 -14.83 10.77 -3.66
C GLU A 479 -15.25 11.01 -2.23
N LYS A 480 -16.57 10.99 -1.99
CA LYS A 480 -17.10 11.21 -0.65
C LYS A 480 -16.68 10.09 0.31
N CYS A 481 -16.21 10.45 1.49
CA CYS A 481 -15.80 9.45 2.46
C CYS A 481 -17.00 8.72 3.08
N HIS A 482 -16.81 7.46 3.48
CA HIS A 482 -17.89 6.76 4.15
C HIS A 482 -18.02 7.58 5.43
N PRO A 483 -19.23 7.71 5.97
CA PRO A 483 -19.43 8.49 7.19
C PRO A 483 -18.44 8.17 8.31
N ASN A 484 -17.68 9.18 8.73
CA ASN A 484 -16.67 9.08 9.80
C ASN A 484 -15.46 8.23 9.44
N SER A 485 -15.35 7.90 8.16
CA SER A 485 -14.26 7.07 7.68
C SER A 485 -13.05 7.90 7.28
N ILE A 486 -11.89 7.26 7.19
CA ILE A 486 -10.68 7.97 6.81
C ILE A 486 -10.78 8.34 5.34
N PHE A 487 -11.52 7.52 4.59
CA PHE A 487 -11.73 7.76 3.18
C PHE A 487 -12.93 7.00 2.63
N GLY A 488 -13.29 7.33 1.39
CA GLY A 488 -14.46 6.75 0.76
C GLY A 488 -14.50 5.29 0.33
N GLU A 489 -15.58 4.97 -0.39
CA GLU A 489 -15.83 3.63 -0.89
C GLU A 489 -14.71 3.10 -1.79
N SER A 490 -14.50 3.77 -2.92
CA SER A 490 -13.49 3.35 -3.88
C SER A 490 -12.09 3.05 -3.37
N MET A 491 -11.69 3.63 -2.25
CA MET A 491 -10.36 3.37 -1.71
C MET A 491 -10.21 1.95 -1.15
N ILE A 492 -11.24 1.48 -0.45
CA ILE A 492 -11.23 0.14 0.14
C ILE A 492 -11.47 -0.92 -0.90
N GLU A 493 -12.56 -0.75 -1.65
CA GLU A 493 -12.92 -1.69 -2.68
C GLU A 493 -11.85 -1.90 -3.76
N MET A 494 -11.00 -0.88 -3.97
CA MET A 494 -9.91 -0.95 -4.95
C MET A 494 -8.60 -1.30 -4.29
N GLY A 495 -8.45 -0.88 -3.03
CA GLY A 495 -7.23 -1.14 -2.28
C GLY A 495 -7.06 -2.50 -1.65
N ALA A 496 -8.08 -2.98 -0.94
CA ALA A 496 -8.05 -4.28 -0.27
C ALA A 496 -7.61 -5.44 -1.14
N PRO A 497 -8.13 -5.54 -2.38
CA PRO A 497 -7.75 -6.63 -3.29
C PRO A 497 -6.25 -6.63 -3.57
N PHE A 498 -5.71 -5.47 -3.88
CA PHE A 498 -4.29 -5.33 -4.15
C PHE A 498 -3.55 -5.63 -2.87
N SER A 499 -4.13 -5.16 -1.78
CA SER A 499 -3.55 -5.30 -0.45
C SER A 499 -3.41 -6.71 0.09
N LEU A 500 -4.51 -7.44 0.21
CA LEU A 500 -4.42 -8.79 0.76
C LEU A 500 -3.80 -9.75 -0.24
N LYS A 501 -4.01 -9.51 -1.53
CA LYS A 501 -3.42 -10.39 -2.53
C LYS A 501 -1.90 -10.40 -2.32
N GLY A 502 -1.37 -9.24 -1.95
CA GLY A 502 0.04 -9.08 -1.72
C GLY A 502 0.48 -9.51 -0.35
N LEU A 503 -0.38 -9.35 0.65
CA LEU A 503 -0.03 -9.76 2.00
C LEU A 503 0.03 -11.29 2.11
N LEU A 504 -1.03 -11.99 1.69
CA LEU A 504 -1.07 -13.45 1.77
C LEU A 504 -0.37 -14.16 0.63
N GLY A 505 -0.02 -13.42 -0.42
CA GLY A 505 0.66 -14.03 -1.55
C GLY A 505 2.15 -14.19 -1.35
N ASN A 506 2.61 -13.79 -0.17
CA ASN A 506 4.02 -13.89 0.19
C ASN A 506 4.38 -15.35 0.40
N PRO A 507 5.46 -15.81 -0.22
CA PRO A 507 5.86 -17.20 -0.06
C PRO A 507 5.83 -17.77 1.35
N ILE A 508 6.19 -16.97 2.35
CA ILE A 508 6.19 -17.47 3.72
C ILE A 508 4.81 -17.94 4.15
N CYS A 509 3.78 -17.51 3.45
CA CYS A 509 2.40 -17.87 3.78
C CYS A 509 1.88 -19.14 3.11
N SER A 510 2.65 -19.73 2.20
CA SER A 510 2.19 -20.94 1.53
C SER A 510 2.30 -22.13 2.45
N PRO A 511 1.60 -23.23 2.12
CA PRO A 511 1.67 -24.39 3.00
C PRO A 511 3.11 -24.86 3.11
N GLU A 512 3.79 -24.89 1.98
CA GLU A 512 5.17 -25.33 1.87
C GLU A 512 6.11 -24.66 2.87
N TYR A 513 5.99 -23.34 3.01
CA TYR A 513 6.84 -22.56 3.89
C TYR A 513 6.32 -22.35 5.32
N TRP A 514 5.01 -22.21 5.50
CA TRP A 514 4.43 -21.97 6.82
C TRP A 514 4.55 -23.15 7.79
N LYS A 515 5.79 -23.45 8.16
CA LYS A 515 6.12 -24.53 9.09
C LYS A 515 6.93 -23.89 10.19
N ALA A 516 7.11 -24.59 11.31
CA ALA A 516 7.88 -24.02 12.41
C ALA A 516 9.37 -24.11 12.14
N SER A 517 9.75 -24.94 11.17
CA SER A 517 11.15 -25.08 10.87
C SER A 517 11.62 -24.05 9.83
N THR A 518 10.72 -23.15 9.42
CA THR A 518 11.12 -22.13 8.44
C THR A 518 11.57 -20.90 9.20
N PHE A 519 11.24 -20.89 10.48
CA PHE A 519 11.59 -19.81 11.37
C PHE A 519 12.45 -20.48 12.42
N GLY A 520 13.04 -21.59 12.02
CA GLY A 520 13.90 -22.35 12.89
C GLY A 520 13.46 -22.38 14.34
N GLY A 521 12.69 -23.40 14.69
CA GLY A 521 12.22 -23.51 16.06
C GLY A 521 10.78 -23.08 16.20
N GLU A 522 10.23 -23.34 17.39
CA GLU A 522 8.86 -22.98 17.70
C GLU A 522 8.90 -21.51 18.14
N VAL A 523 10.06 -21.09 18.64
CA VAL A 523 10.26 -19.71 19.10
C VAL A 523 10.10 -18.75 17.94
N GLY A 524 10.53 -19.18 16.77
CA GLY A 524 10.38 -18.32 15.62
C GLY A 524 8.92 -18.14 15.29
N PHE A 525 8.24 -19.25 15.02
CA PHE A 525 6.81 -19.24 14.67
C PHE A 525 5.98 -18.38 15.61
N ASN A 526 6.16 -18.57 16.91
CA ASN A 526 5.42 -17.78 17.87
C ASN A 526 5.73 -16.28 17.77
N LEU A 527 6.97 -15.94 17.39
CA LEU A 527 7.33 -14.52 17.25
C LEU A 527 6.50 -13.96 16.10
N VAL A 528 6.28 -14.78 15.07
CA VAL A 528 5.50 -14.37 13.93
C VAL A 528 4.00 -14.38 14.23
N LYS A 529 3.58 -15.33 15.06
CA LYS A 529 2.18 -15.50 15.41
C LYS A 529 1.66 -14.58 16.51
N THR A 530 2.53 -13.86 17.20
CA THR A 530 2.09 -12.98 18.28
C THR A 530 2.73 -11.59 18.23
N ALA A 531 3.11 -11.15 17.04
CA ALA A 531 3.73 -9.84 16.87
C ALA A 531 2.76 -8.70 17.18
N THR A 532 3.28 -7.51 17.40
CA THR A 532 2.44 -6.37 17.73
C THR A 532 3.23 -5.09 17.58
N LEU A 533 2.57 -3.99 17.26
CA LEU A 533 3.29 -2.74 17.14
C LEU A 533 3.94 -2.56 18.49
N LYS A 534 3.12 -2.60 19.54
CA LYS A 534 3.60 -2.45 20.91
C LYS A 534 4.84 -3.26 21.24
N LYS A 535 4.83 -4.53 20.85
CA LYS A 535 6.00 -5.34 21.13
C LYS A 535 7.17 -4.89 20.25
N LEU A 536 6.92 -4.61 18.98
CA LEU A 536 7.98 -4.19 18.07
C LEU A 536 8.79 -3.04 18.66
N VAL A 537 8.14 -2.21 19.45
CA VAL A 537 8.84 -1.10 20.07
C VAL A 537 9.35 -1.47 21.46
N CYS A 538 8.44 -1.57 22.41
CA CYS A 538 8.78 -1.87 23.79
C CYS A 538 9.73 -3.04 24.07
N LEU A 539 10.11 -3.78 23.04
CA LEU A 539 11.05 -4.88 23.23
C LEU A 539 12.41 -4.44 22.69
N ASN A 540 12.46 -3.24 22.17
CA ASN A 540 13.70 -2.73 21.63
C ASN A 540 13.99 -1.33 22.12
N THR A 541 13.42 -0.98 23.27
CA THR A 541 13.63 0.32 23.91
C THR A 541 13.81 0.11 25.43
N LYS A 542 14.34 1.13 26.11
CA LYS A 542 14.55 1.04 27.56
C LYS A 542 13.22 1.13 28.27
N THR A 543 12.31 1.90 27.69
CA THR A 543 11.01 2.06 28.28
C THR A 543 9.86 2.09 27.31
N CYS A 544 8.72 1.60 27.79
CA CYS A 544 7.51 1.50 27.00
C CYS A 544 6.71 2.79 26.99
N PRO A 545 6.76 3.52 25.88
CA PRO A 545 6.02 4.78 25.73
C PRO A 545 4.62 4.43 25.29
N TYR A 546 3.89 5.41 24.77
CA TYR A 546 2.55 5.14 24.28
C TYR A 546 2.66 4.89 22.80
N VAL A 547 2.13 3.78 22.33
CA VAL A 547 2.19 3.47 20.91
C VAL A 547 0.98 2.72 20.39
N SER A 548 0.50 3.14 19.22
CA SER A 548 -0.65 2.55 18.54
C SER A 548 -0.85 3.27 17.21
N PHE A 549 -1.74 2.75 16.38
CA PHE A 549 -2.02 3.38 15.10
C PHE A 549 -3.18 4.36 15.22
N HIS A 550 -3.57 4.66 16.45
CA HIS A 550 -4.65 5.59 16.68
C HIS A 550 -4.38 6.37 17.95
N VAL A 551 -4.66 7.65 17.90
CA VAL A 551 -4.44 8.50 19.04
C VAL A 551 -5.22 8.01 20.23
N PRO A 552 -4.74 8.28 21.45
CA PRO A 552 -5.47 7.85 22.64
C PRO A 552 -6.62 8.84 22.80
N ASP A 553 -7.53 8.59 23.73
CA ASP A 553 -8.64 9.52 23.97
C ASP A 553 -9.67 9.66 22.81
#